data_4QQB
#
_entry.id   4QQB
#
_cell.length_a   94.360
_cell.length_b   110.970
_cell.length_c   139.150
_cell.angle_alpha   90.00
_cell.angle_beta   90.00
_cell.angle_gamma   90.00
#
_symmetry.space_group_name_H-M   'P 21 21 21'
#
loop_
_entity.id
_entity.type
_entity.pdbx_description
1 polymer 'msl2 mRNA'
2 polymer 'Protein sex-lethal'
3 polymer 'Upstream of N-ras, isoform A'
#
loop_
_entity_poly.entity_id
_entity_poly.type
_entity_poly.pdbx_seq_one_letter_code
_entity_poly.pdbx_strand_id
1 'polyribonucleotide' UUUUUUUGAGCACGUGAA P,C
2 'polypeptide(L)'
;GAMASNTNLIVNYLPQDMTDRELYALFRAIGPINTCRIMRDYKTGYSFGYAFVDFTSEMDSQRAIKVLNGITVRNKRLKV
SYARPGGESIKDTNLYVTNLPRTITDDQLDTIFGKYGSIVQKNILRDKLTGRPRGVAFVRYNKREEAQEAISALNNVIPE
GGSQPLSVRLAEEHGK
;
A,B
3 'polypeptide(L)' GAMATRETGIIEKLLHSYGFIQCCERQARLFFHFSQFSGNIDHLKIGDPVEFEMTYDRRTGKPIASQVSKIA X,Y
#
# COMPACT_ATOMS: atom_id res chain seq x y z
N SER B 5 6.17 -6.52 -23.09
CA SER B 5 6.63 -6.55 -24.51
C SER B 5 6.46 -5.19 -25.21
N ASN B 6 5.26 -4.61 -25.10
CA ASN B 6 4.93 -3.36 -25.79
C ASN B 6 5.26 -2.14 -24.92
N THR B 7 4.99 -0.94 -25.44
CA THR B 7 5.37 0.31 -24.78
C THR B 7 4.21 1.02 -24.08
N ASN B 8 3.03 0.41 -24.09
CA ASN B 8 1.82 1.04 -23.54
C ASN B 8 1.49 0.52 -22.14
N LEU B 9 1.26 1.46 -21.22
CA LEU B 9 0.95 1.13 -19.84
C LEU B 9 -0.47 1.51 -19.47
N ILE B 10 -1.02 0.81 -18.50
CA ILE B 10 -2.24 1.24 -17.86
C ILE B 10 -1.95 1.55 -16.38
N VAL B 11 -2.48 2.69 -15.93
CA VAL B 11 -2.30 3.15 -14.56
C VAL B 11 -3.65 3.09 -13.85
N ASN B 12 -3.68 2.44 -12.69
CA ASN B 12 -4.92 2.21 -11.96
C ASN B 12 -4.89 2.80 -10.56
N TYR B 13 -6.08 3.09 -10.05
CA TYR B 13 -6.26 3.64 -8.70
C TYR B 13 -5.67 5.03 -8.60
N LEU B 14 -5.88 5.82 -9.64
CA LEU B 14 -5.52 7.23 -9.62
C LEU B 14 -6.48 7.91 -8.68
N PRO B 15 -6.00 8.92 -7.94
CA PRO B 15 -6.97 9.72 -7.21
C PRO B 15 -7.87 10.50 -8.18
N GLN B 16 -9.12 10.71 -7.78
CA GLN B 16 -10.07 11.48 -8.59
C GLN B 16 -9.43 12.72 -9.18
N ASP B 17 -8.88 13.56 -8.30
CA ASP B 17 -8.41 14.88 -8.68
C ASP B 17 -7.11 14.92 -9.50
N MET B 18 -6.50 13.77 -9.78
CA MET B 18 -5.33 13.76 -10.66
C MET B 18 -5.73 14.19 -12.07
N THR B 19 -4.81 14.88 -12.73
CA THR B 19 -5.01 15.44 -14.07
C THR B 19 -3.88 15.02 -15.00
N ASP B 20 -4.08 15.28 -16.30
CA ASP B 20 -3.08 14.87 -17.29
C ASP B 20 -1.72 15.50 -17.02
N ARG B 21 -1.71 16.81 -16.77
CA ARG B 21 -0.49 17.52 -16.35
C ARG B 21 0.29 16.76 -15.29
N GLU B 22 -0.39 16.44 -14.19
CA GLU B 22 0.22 15.85 -13.00
C GLU B 22 0.74 14.44 -13.27
N LEU B 23 -0.03 13.67 -14.02
CA LEU B 23 0.34 12.30 -14.34
C LEU B 23 1.55 12.33 -15.26
N TYR B 24 1.48 13.18 -16.27
CA TYR B 24 2.56 13.29 -17.25
C TYR B 24 3.87 13.57 -16.56
N ALA B 25 3.86 14.58 -15.70
CA ALA B 25 5.05 15.00 -14.97
C ALA B 25 5.67 13.85 -14.19
N LEU B 26 4.84 13.16 -13.42
CA LEU B 26 5.29 12.02 -12.62
C LEU B 26 6.01 10.97 -13.49
N PHE B 27 5.43 10.67 -14.65
CA PHE B 27 5.98 9.62 -15.51
C PHE B 27 7.07 10.11 -16.44
N ARG B 28 7.10 11.40 -16.73
CA ARG B 28 8.13 11.99 -17.60
C ARG B 28 9.54 11.88 -16.98
N ALA B 29 9.59 11.64 -15.67
CA ALA B 29 10.85 11.40 -14.98
C ALA B 29 11.50 10.10 -15.43
N ILE B 30 10.68 9.15 -15.85
CA ILE B 30 11.18 7.86 -16.30
C ILE B 30 11.76 7.98 -17.71
N GLY B 31 11.10 8.76 -18.56
CA GLY B 31 11.57 8.94 -19.92
C GLY B 31 10.57 9.72 -20.75
N PRO B 32 10.86 9.88 -22.05
CA PRO B 32 9.96 10.63 -22.91
C PRO B 32 8.65 9.89 -23.18
N ILE B 33 7.59 10.66 -23.39
CA ILE B 33 6.25 10.12 -23.46
C ILE B 33 5.56 10.54 -24.76
N ASN B 34 4.96 9.58 -25.45
CA ASN B 34 4.13 9.89 -26.62
C ASN B 34 2.78 10.44 -26.19
N THR B 35 2.01 9.60 -25.49
CA THR B 35 0.64 9.92 -25.10
C THR B 35 0.38 9.55 -23.65
N CYS B 36 -0.47 10.35 -22.99
CA CYS B 36 -0.84 10.13 -21.61
C CYS B 36 -2.23 10.72 -21.39
N ARG B 37 -3.17 9.87 -21.02
CA ARG B 37 -4.58 10.26 -20.98
C ARG B 37 -5.31 9.62 -19.79
N ILE B 38 -5.94 10.48 -18.98
CA ILE B 38 -6.80 10.02 -17.91
C ILE B 38 -8.21 9.86 -18.44
N MET B 39 -8.80 8.71 -18.15
CA MET B 39 -10.16 8.41 -18.60
C MET B 39 -11.18 9.12 -17.76
N ARG B 40 -12.14 9.76 -18.42
CA ARG B 40 -13.21 10.43 -17.70
C ARG B 40 -14.56 10.39 -18.42
N ASP B 41 -15.60 10.73 -17.69
CA ASP B 41 -16.94 10.80 -18.23
C ASP B 41 -17.01 11.98 -19.19
N TYR B 42 -17.30 11.71 -20.45
CA TYR B 42 -17.33 12.76 -21.47
C TYR B 42 -18.16 13.97 -21.05
N LYS B 43 -19.34 13.73 -20.48
CA LYS B 43 -20.30 14.81 -20.25
C LYS B 43 -20.06 15.59 -18.97
N THR B 44 -19.61 14.93 -17.89
CA THR B 44 -19.30 15.60 -16.62
C THR B 44 -17.80 15.75 -16.38
N GLY B 45 -17.02 14.85 -16.97
CA GLY B 45 -15.57 14.90 -16.89
C GLY B 45 -14.97 14.26 -15.65
N TYR B 46 -15.79 13.69 -14.77
CA TYR B 46 -15.26 13.00 -13.59
C TYR B 46 -14.34 11.84 -14.01
N SER B 47 -13.27 11.61 -13.25
CA SER B 47 -12.24 10.64 -13.61
C SER B 47 -12.72 9.23 -13.36
N PHE B 48 -12.51 8.34 -14.33
CA PHE B 48 -12.79 6.92 -14.12
C PHE B 48 -11.73 6.26 -13.26
N GLY B 49 -10.69 7.00 -12.88
CA GLY B 49 -9.69 6.50 -11.94
C GLY B 49 -8.62 5.66 -12.59
N TYR B 50 -8.51 5.75 -13.91
CA TYR B 50 -7.44 5.07 -14.61
C TYR B 50 -6.98 5.83 -15.84
N ALA B 51 -5.80 5.45 -16.33
CA ALA B 51 -5.16 6.18 -17.43
C ALA B 51 -4.26 5.30 -18.24
N PHE B 52 -4.03 5.71 -19.48
CA PHE B 52 -3.07 5.05 -20.36
C PHE B 52 -1.88 5.96 -20.51
N VAL B 53 -0.69 5.38 -20.45
CA VAL B 53 0.55 6.13 -20.65
C VAL B 53 1.45 5.33 -21.57
N ASP B 54 1.72 5.88 -22.76
CA ASP B 54 2.55 5.22 -23.75
C ASP B 54 3.94 5.87 -23.79
N PHE B 55 4.95 5.12 -23.37
CA PHE B 55 6.32 5.60 -23.42
C PHE B 55 6.89 5.47 -24.83
N THR B 56 7.86 6.33 -25.14
CA THR B 56 8.56 6.29 -26.42
C THR B 56 9.34 4.99 -26.60
N SER B 57 10.08 4.59 -25.55
CA SER B 57 10.95 3.41 -25.61
C SER B 57 10.52 2.28 -24.67
N GLU B 58 10.73 1.05 -25.11
CA GLU B 58 10.42 -0.16 -24.33
C GLU B 58 11.22 -0.22 -23.03
N MET B 59 12.43 0.35 -23.04
CA MET B 59 13.22 0.59 -21.82
C MET B 59 12.36 1.24 -20.74
N ASP B 60 11.95 2.47 -21.04
CA ASP B 60 11.33 3.36 -20.05
C ASP B 60 9.99 2.79 -19.60
N SER B 61 9.21 2.30 -20.57
CA SER B 61 7.98 1.58 -20.32
C SER B 61 8.15 0.56 -19.18
N GLN B 62 9.16 -0.31 -19.33
CA GLN B 62 9.42 -1.36 -18.35
C GLN B 62 9.90 -0.79 -17.02
N ARG B 63 10.79 0.20 -17.08
CA ARG B 63 11.35 0.80 -15.88
C ARG B 63 10.26 1.43 -15.03
N ALA B 64 9.40 2.22 -15.67
CA ALA B 64 8.25 2.84 -15.00
C ALA B 64 7.50 1.87 -14.10
N ILE B 65 7.21 0.68 -14.62
CA ILE B 65 6.55 -0.34 -13.81
C ILE B 65 7.41 -0.62 -12.58
N LYS B 66 8.64 -1.02 -12.83
CA LYS B 66 9.58 -1.34 -11.76
C LYS B 66 9.56 -0.26 -10.67
N VAL B 67 9.67 1.00 -11.08
CA VAL B 67 9.77 2.11 -10.13
C VAL B 67 8.41 2.52 -9.57
N LEU B 68 7.51 2.99 -10.44
CA LEU B 68 6.28 3.67 -10.02
C LEU B 68 5.16 2.77 -9.48
N ASN B 69 5.10 1.52 -9.93
CA ASN B 69 4.05 0.63 -9.46
C ASN B 69 4.05 0.53 -7.95
N GLY B 70 2.95 0.92 -7.33
CA GLY B 70 2.79 0.79 -5.89
C GLY B 70 3.03 2.06 -5.11
N ILE B 71 3.52 3.12 -5.76
CA ILE B 71 3.76 4.35 -5.02
C ILE B 71 2.46 5.00 -4.59
N THR B 72 2.52 5.67 -3.46
CA THR B 72 1.36 6.28 -2.84
C THR B 72 1.20 7.71 -3.32
N VAL B 73 -0.02 8.07 -3.70
CA VAL B 73 -0.35 9.45 -4.07
C VAL B 73 -1.71 9.78 -3.47
N ARG B 74 -1.72 10.62 -2.43
CA ARG B 74 -2.94 10.98 -1.72
C ARG B 74 -3.77 9.75 -1.36
N ASN B 75 -3.28 9.01 -0.36
CA ASN B 75 -3.88 7.74 0.08
C ASN B 75 -4.47 6.86 -1.06
N LYS B 76 -3.70 6.71 -2.12
CA LYS B 76 -3.99 5.72 -3.15
C LYS B 76 -2.66 5.16 -3.64
N ARG B 77 -2.56 3.83 -3.69
CA ARG B 77 -1.34 3.18 -4.15
C ARG B 77 -1.52 2.82 -5.61
N LEU B 78 -0.83 3.53 -6.49
CA LEU B 78 -0.98 3.32 -7.93
C LEU B 78 -0.65 1.89 -8.36
N LYS B 79 -1.16 1.49 -9.52
CA LYS B 79 -0.78 0.22 -10.12
C LYS B 79 -0.45 0.45 -11.58
N VAL B 80 0.84 0.41 -11.86
CA VAL B 80 1.35 0.55 -13.21
C VAL B 80 1.61 -0.85 -13.79
N SER B 81 0.74 -1.25 -14.71
CA SER B 81 0.82 -2.55 -15.36
C SER B 81 0.84 -2.36 -16.88
N TYR B 82 1.21 -3.42 -17.60
CA TYR B 82 1.19 -3.38 -19.05
C TYR B 82 -0.24 -3.38 -19.54
N ALA B 83 -0.54 -2.47 -20.47
CA ALA B 83 -1.83 -2.46 -21.11
C ALA B 83 -1.93 -3.67 -22.04
N ARG B 84 -2.90 -4.52 -21.78
CA ARG B 84 -3.17 -5.69 -22.62
C ARG B 84 -3.84 -5.27 -23.94
N PRO B 85 -3.92 -6.18 -24.93
CA PRO B 85 -4.60 -5.77 -26.17
C PRO B 85 -6.11 -5.70 -25.94
N GLY B 86 -6.66 -4.49 -26.02
CA GLY B 86 -8.07 -4.25 -25.73
C GLY B 86 -8.98 -4.56 -26.90
N GLY B 87 -10.29 -4.59 -26.62
CA GLY B 87 -11.30 -4.85 -27.64
C GLY B 87 -12.53 -5.50 -27.05
N GLU B 88 -13.14 -6.41 -27.81
CA GLU B 88 -14.34 -7.11 -27.35
C GLU B 88 -14.00 -8.31 -26.48
N SER B 89 -12.82 -8.90 -26.70
CA SER B 89 -12.39 -10.10 -25.96
C SER B 89 -12.06 -9.82 -24.49
N ILE B 90 -11.86 -8.56 -24.14
CA ILE B 90 -11.56 -8.14 -22.77
C ILE B 90 -12.82 -7.81 -21.97
N LYS B 91 -13.90 -7.43 -22.68
CA LYS B 91 -15.17 -7.08 -22.03
C LYS B 91 -15.76 -8.23 -21.21
N ASP B 92 -16.61 -7.89 -20.25
CA ASP B 92 -17.33 -8.87 -19.42
C ASP B 92 -16.37 -9.86 -18.74
N THR B 93 -15.30 -9.35 -18.12
CA THR B 93 -14.31 -10.20 -17.44
C THR B 93 -14.23 -9.99 -15.93
N ASN B 94 -15.10 -9.14 -15.38
CA ASN B 94 -15.08 -8.83 -13.96
C ASN B 94 -16.19 -9.56 -13.23
N LEU B 95 -15.80 -10.46 -12.32
CA LEU B 95 -16.73 -11.33 -11.62
C LEU B 95 -16.94 -10.91 -10.17
N TYR B 96 -18.21 -10.77 -9.79
CA TYR B 96 -18.58 -10.55 -8.39
C TYR B 96 -18.85 -11.89 -7.71
N VAL B 97 -17.85 -12.38 -6.99
CA VAL B 97 -17.91 -13.67 -6.32
C VAL B 97 -18.37 -13.49 -4.90
N THR B 98 -19.37 -14.26 -4.47
CA THR B 98 -19.89 -14.17 -3.09
C THR B 98 -20.12 -15.53 -2.45
N ASN B 99 -20.44 -15.52 -1.16
CA ASN B 99 -20.60 -16.73 -0.32
C ASN B 99 -19.37 -17.60 -0.28
N LEU B 100 -18.19 -16.98 -0.26
CA LEU B 100 -16.95 -17.70 -0.04
C LEU B 100 -16.88 -18.03 1.45
N PRO B 101 -15.96 -18.92 1.83
CA PRO B 101 -15.76 -19.08 3.27
C PRO B 101 -15.18 -17.81 3.87
N ARG B 102 -15.62 -17.47 5.08
CA ARG B 102 -15.08 -16.32 5.80
C ARG B 102 -13.56 -16.39 5.96
N THR B 103 -13.02 -17.60 6.07
CA THR B 103 -11.58 -17.79 6.27
C THR B 103 -10.75 -17.72 4.97
N ILE B 104 -11.38 -17.36 3.86
CA ILE B 104 -10.70 -17.21 2.55
C ILE B 104 -9.46 -16.30 2.59
N THR B 105 -8.43 -16.67 1.82
CA THR B 105 -7.18 -15.91 1.71
C THR B 105 -6.87 -15.62 0.23
N ASP B 106 -5.70 -15.03 -0.03
CA ASP B 106 -5.30 -14.67 -1.40
C ASP B 106 -4.86 -15.88 -2.21
N ASP B 107 -4.00 -16.72 -1.62
CA ASP B 107 -3.53 -17.92 -2.30
C ASP B 107 -4.70 -18.83 -2.63
N GLN B 108 -5.68 -18.90 -1.73
CA GLN B 108 -6.87 -19.71 -1.96
C GLN B 108 -7.64 -19.30 -3.22
N LEU B 109 -7.64 -18.00 -3.56
CA LEU B 109 -8.28 -17.57 -4.82
C LEU B 109 -7.46 -17.97 -6.04
N ASP B 110 -6.14 -17.87 -5.96
CA ASP B 110 -5.27 -18.36 -7.04
C ASP B 110 -5.54 -19.84 -7.33
N THR B 111 -5.79 -20.62 -6.28
CA THR B 111 -6.13 -22.02 -6.43
C THR B 111 -7.49 -22.17 -7.11
N ILE B 112 -8.52 -21.54 -6.53
CA ILE B 112 -9.90 -21.71 -7.00
C ILE B 112 -10.14 -21.18 -8.42
N PHE B 113 -9.50 -20.07 -8.78
CA PHE B 113 -9.77 -19.40 -10.04
C PHE B 113 -8.59 -19.44 -11.03
N GLY B 114 -7.43 -19.95 -10.61
CA GLY B 114 -6.23 -19.90 -11.43
C GLY B 114 -6.28 -20.73 -12.69
N LYS B 115 -6.82 -21.94 -12.59
CA LYS B 115 -6.84 -22.87 -13.72
C LYS B 115 -7.80 -22.45 -14.84
N TYR B 116 -8.83 -21.68 -14.51
CA TYR B 116 -9.82 -21.27 -15.50
C TYR B 116 -9.35 -20.09 -16.36
N GLY B 117 -8.27 -19.42 -15.94
CA GLY B 117 -7.70 -18.32 -16.70
C GLY B 117 -6.67 -17.54 -15.91
N SER B 118 -5.94 -16.64 -16.58
CA SER B 118 -5.01 -15.74 -15.90
C SER B 118 -5.74 -14.51 -15.35
N ILE B 119 -5.52 -14.21 -14.08
CA ILE B 119 -6.24 -13.15 -13.37
C ILE B 119 -5.50 -11.81 -13.48
N VAL B 120 -6.24 -10.73 -13.65
CA VAL B 120 -5.68 -9.39 -13.77
C VAL B 120 -5.61 -8.75 -12.39
N GLN B 121 -6.77 -8.67 -11.74
CA GLN B 121 -6.91 -8.05 -10.43
C GLN B 121 -7.85 -8.91 -9.62
N LYS B 122 -7.63 -8.92 -8.31
CA LYS B 122 -8.56 -9.55 -7.40
C LYS B 122 -8.54 -8.82 -6.07
N ASN B 123 -9.70 -8.72 -5.42
CA ASN B 123 -9.79 -8.14 -4.09
C ASN B 123 -10.75 -8.93 -3.21
N ILE B 124 -10.29 -9.27 -2.02
CA ILE B 124 -11.16 -9.86 -1.01
C ILE B 124 -11.69 -8.76 -0.10
N LEU B 125 -12.96 -8.43 -0.22
CA LEU B 125 -13.56 -7.39 0.62
C LEU B 125 -13.54 -7.84 2.07
N ARG B 126 -13.07 -6.95 2.95
CA ARG B 126 -13.07 -7.16 4.39
C ARG B 126 -13.88 -6.07 5.07
N ASP B 127 -14.49 -6.42 6.20
CA ASP B 127 -15.10 -5.43 7.08
C ASP B 127 -13.95 -4.83 7.92
N LYS B 128 -13.26 -3.85 7.34
CA LYS B 128 -12.05 -3.22 7.93
C LYS B 128 -12.06 -2.91 9.45
N LEU B 129 -13.25 -2.69 10.01
CA LEU B 129 -13.40 -2.51 11.46
C LEU B 129 -13.09 -3.82 12.21
N THR B 130 -13.38 -4.95 11.58
CA THR B 130 -12.92 -6.27 12.03
C THR B 130 -11.56 -6.62 11.39
N GLY B 131 -11.40 -6.29 10.11
CA GLY B 131 -10.20 -6.64 9.35
C GLY B 131 -10.28 -8.01 8.69
N ARG B 132 -11.34 -8.76 9.00
CA ARG B 132 -11.53 -10.13 8.52
C ARG B 132 -12.65 -10.17 7.49
N PRO B 133 -12.56 -11.09 6.50
CA PRO B 133 -13.40 -11.07 5.31
C PRO B 133 -14.91 -11.03 5.55
N ARG B 134 -15.64 -10.49 4.58
CA ARG B 134 -17.09 -10.51 4.57
C ARG B 134 -17.59 -11.76 3.86
N GLY B 135 -16.68 -12.46 3.20
CA GLY B 135 -17.04 -13.60 2.35
C GLY B 135 -17.53 -13.12 1.01
N VAL B 136 -16.82 -12.15 0.44
CA VAL B 136 -17.15 -11.55 -0.85
C VAL B 136 -15.86 -11.12 -1.52
N ALA B 137 -15.81 -11.18 -2.84
CA ALA B 137 -14.59 -10.82 -3.57
C ALA B 137 -14.88 -10.33 -4.98
N PHE B 138 -13.81 -9.91 -5.67
CA PHE B 138 -13.85 -9.59 -7.08
C PHE B 138 -12.73 -10.35 -7.76
N VAL B 139 -12.98 -10.81 -8.99
CA VAL B 139 -11.95 -11.46 -9.79
C VAL B 139 -12.12 -11.05 -11.25
N ARG B 140 -11.07 -10.44 -11.81
CA ARG B 140 -11.09 -10.00 -13.18
C ARG B 140 -10.12 -10.83 -13.99
N TYR B 141 -10.66 -11.60 -14.93
CA TYR B 141 -9.84 -12.39 -15.84
C TYR B 141 -9.37 -11.55 -17.02
N ASN B 142 -8.42 -12.09 -17.77
CA ASN B 142 -7.93 -11.45 -18.98
C ASN B 142 -9.02 -11.44 -20.06
N LYS B 143 -9.35 -12.61 -20.59
CA LYS B 143 -10.28 -12.73 -21.73
C LYS B 143 -11.67 -13.22 -21.31
N ARG B 144 -12.67 -12.87 -22.13
CA ARG B 144 -14.07 -13.10 -21.81
C ARG B 144 -14.41 -14.55 -21.49
N GLU B 145 -13.90 -15.48 -22.31
CA GLU B 145 -14.23 -16.89 -22.16
C GLU B 145 -13.64 -17.51 -20.90
N GLU B 146 -12.50 -16.98 -20.43
CA GLU B 146 -11.93 -17.40 -19.15
C GLU B 146 -12.92 -17.14 -18.04
N ALA B 147 -13.55 -15.97 -18.08
CA ALA B 147 -14.57 -15.61 -17.09
C ALA B 147 -15.79 -16.51 -17.22
N GLN B 148 -16.26 -16.66 -18.47
CA GLN B 148 -17.45 -17.47 -18.73
C GLN B 148 -17.27 -18.93 -18.33
N GLU B 149 -16.10 -19.48 -18.60
CA GLU B 149 -15.77 -20.83 -18.18
C GLU B 149 -15.83 -20.96 -16.66
N ALA B 150 -15.22 -20.00 -15.97
CA ALA B 150 -15.21 -20.00 -14.51
C ALA B 150 -16.61 -19.81 -13.91
N ILE B 151 -17.48 -19.05 -14.58
CA ILE B 151 -18.84 -18.86 -14.09
C ILE B 151 -19.55 -20.21 -14.02
N SER B 152 -19.63 -20.89 -15.15
CA SER B 152 -20.33 -22.18 -15.23
C SER B 152 -19.64 -23.23 -14.36
N ALA B 153 -18.31 -23.24 -14.38
CA ALA B 153 -17.54 -24.18 -13.59
C ALA B 153 -17.71 -24.03 -12.07
N LEU B 154 -17.97 -22.81 -11.59
CA LEU B 154 -18.03 -22.59 -10.14
C LEU B 154 -19.37 -22.11 -9.56
N ASN B 155 -20.25 -21.53 -10.37
CA ASN B 155 -21.52 -21.04 -9.83
C ASN B 155 -22.33 -22.15 -9.17
N ASN B 156 -22.81 -21.87 -7.95
CA ASN B 156 -23.65 -22.80 -7.16
C ASN B 156 -22.92 -24.00 -6.57
N VAL B 157 -21.60 -24.04 -6.65
CA VAL B 157 -20.84 -25.18 -6.10
C VAL B 157 -20.32 -24.90 -4.68
N ILE B 158 -19.89 -25.95 -4.01
CA ILE B 158 -19.23 -25.85 -2.70
C ILE B 158 -17.72 -25.76 -2.93
N PRO B 159 -17.04 -24.82 -2.22
CA PRO B 159 -15.59 -24.71 -2.35
C PRO B 159 -14.82 -25.93 -1.85
N GLU B 160 -13.52 -25.98 -2.15
CA GLU B 160 -12.66 -27.12 -1.81
C GLU B 160 -12.11 -26.93 -0.38
N GLY B 161 -13.02 -26.81 0.59
CA GLY B 161 -12.67 -26.48 1.96
C GLY B 161 -13.92 -26.10 2.73
N GLY B 162 -14.56 -25.00 2.33
CA GLY B 162 -15.81 -24.56 2.94
C GLY B 162 -16.99 -25.44 2.55
N SER B 163 -18.16 -25.09 3.08
CA SER B 163 -19.39 -25.86 2.84
C SER B 163 -20.59 -24.93 2.61
N GLN B 164 -20.49 -24.08 1.59
CA GLN B 164 -21.58 -23.16 1.23
C GLN B 164 -21.66 -22.96 -0.30
N PRO B 165 -22.86 -22.62 -0.82
CA PRO B 165 -23.02 -22.48 -2.26
C PRO B 165 -22.44 -21.17 -2.82
N LEU B 166 -21.38 -21.27 -3.62
CA LEU B 166 -20.79 -20.10 -4.27
C LEU B 166 -21.75 -19.40 -5.22
N SER B 167 -21.50 -18.13 -5.47
CA SER B 167 -22.25 -17.38 -6.46
C SER B 167 -21.27 -16.59 -7.28
N VAL B 168 -21.22 -16.88 -8.59
CA VAL B 168 -20.24 -16.25 -9.48
C VAL B 168 -20.96 -15.65 -10.68
N ARG B 169 -21.40 -14.39 -10.52
CA ARG B 169 -21.99 -13.62 -11.60
C ARG B 169 -20.93 -12.73 -12.22
N LEU B 170 -21.30 -12.12 -13.34
CA LEU B 170 -20.61 -10.93 -13.83
C LEU B 170 -20.88 -9.80 -12.86
N ALA B 171 -19.91 -8.91 -12.69
CA ALA B 171 -20.07 -7.75 -11.83
C ALA B 171 -20.98 -6.74 -12.50
N GLU B 172 -21.89 -6.17 -11.73
CA GLU B 172 -22.80 -5.16 -12.23
C GLU B 172 -22.03 -3.90 -12.63
N GLU B 173 -22.44 -3.29 -13.74
CA GLU B 173 -21.89 -2.02 -14.20
C GLU B 173 -20.40 -2.14 -14.52
N SER D 5 23.11 -19.48 4.50
CA SER D 5 23.47 -20.74 5.23
C SER D 5 23.09 -20.65 6.72
N ASN D 6 21.80 -20.62 6.99
CA ASN D 6 21.28 -20.55 8.36
C ASN D 6 19.78 -20.88 8.41
N THR D 7 19.32 -21.27 9.60
CA THR D 7 17.90 -21.57 9.83
C THR D 7 17.09 -20.35 10.30
N ASN D 8 17.76 -19.40 10.95
CA ASN D 8 17.11 -18.26 11.60
C ASN D 8 16.77 -17.12 10.63
N LEU D 9 15.57 -16.55 10.80
CA LEU D 9 15.08 -15.49 9.91
C LEU D 9 14.73 -14.21 10.66
N ILE D 10 14.52 -13.14 9.90
CA ILE D 10 14.17 -11.83 10.44
C ILE D 10 13.06 -11.23 9.58
N VAL D 11 11.89 -11.11 10.17
CA VAL D 11 10.72 -10.61 9.47
C VAL D 11 10.57 -9.12 9.78
N ASN D 12 10.27 -8.33 8.76
CA ASN D 12 10.15 -6.88 8.92
C ASN D 12 8.84 -6.34 8.38
N TYR D 13 8.53 -5.12 8.80
CA TYR D 13 7.34 -4.41 8.37
C TYR D 13 6.07 -5.14 8.78
N LEU D 14 6.07 -5.60 10.02
CA LEU D 14 4.90 -6.22 10.61
C LEU D 14 3.94 -5.11 11.02
N PRO D 15 2.63 -5.39 10.95
CA PRO D 15 1.67 -4.45 11.51
C PRO D 15 1.77 -4.47 13.02
N GLN D 16 1.49 -3.33 13.66
CA GLN D 16 1.43 -3.28 15.13
C GLN D 16 0.65 -4.46 15.67
N ASP D 17 -0.56 -4.62 15.16
CA ASP D 17 -1.53 -5.57 15.71
C ASP D 17 -1.22 -7.04 15.48
N MET D 18 -0.19 -7.37 14.71
CA MET D 18 0.19 -8.78 14.56
C MET D 18 0.74 -9.33 15.88
N THR D 19 0.54 -10.61 16.09
CA THR D 19 0.87 -11.28 17.34
C THR D 19 1.63 -12.56 17.06
N ASP D 20 2.29 -13.11 18.07
CA ASP D 20 3.08 -14.33 17.89
C ASP D 20 2.27 -15.48 17.30
N ARG D 21 0.99 -15.60 17.68
CA ARG D 21 0.18 -16.71 17.20
C ARG D 21 -0.07 -16.59 15.68
N GLU D 22 -0.48 -15.41 15.24
CA GLU D 22 -0.79 -15.19 13.82
C GLU D 22 0.45 -15.39 12.95
N LEU D 23 1.55 -14.80 13.40
CA LEU D 23 2.83 -14.89 12.71
C LEU D 23 3.27 -16.35 12.61
N TYR D 24 3.03 -17.10 13.68
CA TYR D 24 3.33 -18.53 13.71
C TYR D 24 2.50 -19.31 12.70
N ALA D 25 1.22 -18.95 12.60
CA ALA D 25 0.29 -19.59 11.66
C ALA D 25 0.78 -19.48 10.21
N LEU D 26 1.13 -18.26 9.79
CA LEU D 26 1.53 -18.03 8.39
C LEU D 26 2.82 -18.73 8.03
N PHE D 27 3.71 -18.89 9.01
CA PHE D 27 5.02 -19.48 8.78
C PHE D 27 5.07 -20.97 9.03
N ARG D 28 4.06 -21.51 9.73
CA ARG D 28 4.00 -22.94 10.00
C ARG D 28 3.77 -23.75 8.71
N ALA D 29 3.03 -23.15 7.77
CA ALA D 29 2.75 -23.78 6.46
C ALA D 29 4.00 -24.35 5.79
N ILE D 30 5.13 -23.66 5.97
CA ILE D 30 6.38 -24.04 5.31
C ILE D 30 7.04 -25.25 6.01
N GLY D 31 6.86 -25.36 7.33
CA GLY D 31 7.42 -26.49 8.06
C GLY D 31 7.40 -26.29 9.56
N PRO D 32 8.10 -27.17 10.30
CA PRO D 32 8.23 -27.03 11.75
C PRO D 32 9.16 -25.87 12.17
N ILE D 33 8.85 -25.27 13.32
CA ILE D 33 9.51 -24.06 13.80
C ILE D 33 10.04 -24.24 15.22
N ASN D 34 11.27 -23.81 15.47
CA ASN D 34 11.87 -23.89 16.81
C ASN D 34 11.50 -22.68 17.65
N THR D 35 11.77 -21.49 17.11
CA THR D 35 11.58 -20.23 17.81
C THR D 35 10.74 -19.28 16.96
N CYS D 36 9.98 -18.41 17.62
CA CYS D 36 9.20 -17.40 16.92
C CYS D 36 8.78 -16.29 17.88
N ARG D 37 9.33 -15.09 17.68
CA ARG D 37 9.08 -13.98 18.59
C ARG D 37 8.97 -12.66 17.87
N ILE D 38 7.90 -11.91 18.17
CA ILE D 38 7.77 -10.51 17.76
C ILE D 38 8.39 -9.62 18.84
N MET D 39 9.22 -8.68 18.41
CA MET D 39 9.95 -7.84 19.35
C MET D 39 9.06 -6.70 19.77
N ARG D 40 9.02 -6.43 21.06
CA ARG D 40 8.20 -5.33 21.56
C ARG D 40 8.78 -4.68 22.80
N ASP D 41 8.29 -3.49 23.10
CA ASP D 41 8.74 -2.75 24.26
C ASP D 41 8.29 -3.51 25.50
N TYR D 42 9.22 -3.78 26.39
CA TYR D 42 8.98 -4.62 27.57
C TYR D 42 7.85 -4.08 28.45
N LYS D 43 7.93 -2.79 28.79
CA LYS D 43 6.97 -2.19 29.71
C LYS D 43 5.57 -2.01 29.10
N THR D 44 5.49 -1.55 27.85
CA THR D 44 4.20 -1.18 27.23
C THR D 44 3.56 -2.28 26.39
N GLY D 45 4.36 -3.17 25.82
CA GLY D 45 3.85 -4.20 24.91
C GLY D 45 3.82 -3.76 23.46
N TYR D 46 4.05 -2.46 23.23
CA TYR D 46 4.09 -1.86 21.89
C TYR D 46 5.08 -2.60 20.99
N SER D 47 4.62 -3.03 19.82
CA SER D 47 5.47 -3.79 18.90
C SER D 47 6.51 -2.92 18.22
N PHE D 48 7.64 -3.52 17.89
CA PHE D 48 8.66 -2.83 17.11
C PHE D 48 8.56 -3.15 15.62
N GLY D 49 7.57 -3.95 15.24
CA GLY D 49 7.32 -4.23 13.83
C GLY D 49 8.31 -5.16 13.18
N TYR D 50 8.99 -5.97 13.98
CA TYR D 50 9.87 -6.99 13.45
C TYR D 50 9.94 -8.19 14.37
N ALA D 51 10.26 -9.33 13.78
CA ALA D 51 10.20 -10.59 14.50
C ALA D 51 11.29 -11.51 14.01
N PHE D 52 11.73 -12.41 14.88
CA PHE D 52 12.61 -13.49 14.48
C PHE D 52 11.81 -14.79 14.35
N VAL D 53 12.22 -15.63 13.40
CA VAL D 53 11.62 -16.94 13.20
C VAL D 53 12.72 -17.94 12.86
N ASP D 54 12.82 -19.01 13.65
CA ASP D 54 13.84 -20.03 13.44
C ASP D 54 13.19 -21.33 12.99
N PHE D 55 13.47 -21.74 11.76
CA PHE D 55 12.96 -23.01 11.24
C PHE D 55 13.89 -24.15 11.64
N THR D 56 13.38 -25.38 11.55
CA THR D 56 14.15 -26.57 11.98
C THR D 56 15.18 -26.95 10.93
N SER D 57 14.72 -27.11 9.69
CA SER D 57 15.59 -27.47 8.58
C SER D 57 15.95 -26.24 7.74
N GLU D 58 17.18 -26.23 7.24
CA GLU D 58 17.70 -25.12 6.44
C GLU D 58 16.99 -25.05 5.07
N MET D 59 16.28 -26.10 4.71
CA MET D 59 15.40 -26.10 3.54
C MET D 59 14.22 -25.16 3.76
N ASP D 60 13.59 -25.27 4.92
CA ASP D 60 12.38 -24.51 5.23
C ASP D 60 12.61 -23.01 5.10
N SER D 61 13.67 -22.51 5.75
CA SER D 61 13.98 -21.09 5.71
C SER D 61 14.06 -20.57 4.27
N GLN D 62 14.75 -21.32 3.40
CA GLN D 62 14.83 -20.99 1.98
C GLN D 62 13.44 -20.79 1.35
N ARG D 63 12.55 -21.76 1.57
CA ARG D 63 11.24 -21.74 0.91
C ARG D 63 10.36 -20.62 1.48
N ALA D 64 10.43 -20.42 2.79
CA ALA D 64 9.71 -19.34 3.46
C ALA D 64 10.10 -17.97 2.92
N ILE D 65 11.40 -17.79 2.68
CA ILE D 65 11.90 -16.58 2.02
C ILE D 65 11.12 -16.34 0.74
N LYS D 66 11.08 -17.35 -0.12
CA LYS D 66 10.47 -17.22 -1.44
C LYS D 66 8.97 -16.98 -1.37
N VAL D 67 8.26 -17.81 -0.62
CA VAL D 67 6.79 -17.79 -0.63
C VAL D 67 6.23 -16.55 0.08
N LEU D 68 6.83 -16.18 1.19
CA LEU D 68 6.29 -15.15 2.08
C LEU D 68 6.87 -13.77 1.87
N ASN D 69 8.15 -13.69 1.52
CA ASN D 69 8.80 -12.39 1.31
C ASN D 69 8.00 -11.57 0.33
N GLY D 70 7.31 -10.56 0.84
CA GLY D 70 6.53 -9.64 0.02
C GLY D 70 5.02 -9.73 0.22
N ILE D 71 4.55 -10.83 0.81
CA ILE D 71 3.10 -11.02 0.98
C ILE D 71 2.48 -9.89 1.78
N THR D 72 1.36 -9.37 1.28
CA THR D 72 0.63 -8.30 1.96
C THR D 72 -0.02 -8.87 3.21
N VAL D 73 -0.33 -8.01 4.18
CA VAL D 73 -1.06 -8.43 5.37
C VAL D 73 -2.17 -7.44 5.70
N ARG D 74 -1.81 -6.25 6.16
CA ARG D 74 -2.81 -5.20 6.35
C ARG D 74 -2.20 -3.93 5.83
N ASN D 75 -2.23 -3.79 4.51
CA ASN D 75 -1.39 -2.84 3.77
C ASN D 75 0.05 -2.72 4.34
N LYS D 76 0.62 -3.87 4.68
CA LYS D 76 2.02 -3.99 5.03
C LYS D 76 2.56 -5.15 4.21
N ARG D 77 3.68 -4.94 3.55
CA ARG D 77 4.26 -5.93 2.64
C ARG D 77 5.49 -6.54 3.30
N LEU D 78 5.29 -7.70 3.90
CA LEU D 78 6.30 -8.36 4.74
C LEU D 78 7.63 -8.50 4.05
N LYS D 79 8.70 -8.51 4.83
CA LYS D 79 10.03 -8.78 4.30
C LYS D 79 10.71 -9.85 5.14
N VAL D 80 10.77 -11.04 4.57
CA VAL D 80 11.50 -12.13 5.17
C VAL D 80 12.93 -12.07 4.65
N SER D 81 13.88 -12.38 5.52
CA SER D 81 15.29 -12.30 5.16
C SER D 81 16.12 -13.10 6.16
N TYR D 82 17.35 -13.42 5.81
CA TYR D 82 18.22 -14.16 6.71
C TYR D 82 18.70 -13.23 7.81
N ALA D 83 18.68 -13.73 9.03
CA ALA D 83 19.19 -12.97 10.16
C ALA D 83 20.71 -13.08 10.15
N ARG D 84 21.38 -11.93 10.13
CA ARG D 84 22.82 -11.85 10.26
C ARG D 84 23.21 -12.20 11.69
N PRO D 85 24.50 -12.26 12.01
CA PRO D 85 24.85 -12.26 13.43
C PRO D 85 24.57 -10.89 14.03
N GLY D 86 24.13 -10.86 15.29
CA GLY D 86 23.87 -9.60 16.00
C GLY D 86 25.15 -8.97 16.53
N GLY D 87 25.10 -8.46 17.76
CA GLY D 87 26.29 -7.96 18.45
C GLY D 87 26.63 -6.51 18.17
N GLU D 88 27.62 -6.00 18.89
CA GLU D 88 28.01 -4.59 18.81
C GLU D 88 28.38 -4.12 17.39
N SER D 89 28.73 -5.06 16.51
CA SER D 89 29.15 -4.73 15.14
C SER D 89 28.01 -4.27 14.24
N ILE D 90 26.76 -4.59 14.62
CA ILE D 90 25.57 -4.26 13.83
C ILE D 90 24.97 -2.90 14.19
N LYS D 91 25.32 -2.36 15.35
CA LYS D 91 24.79 -1.07 15.81
C LYS D 91 25.26 0.07 14.90
N ASP D 92 24.52 1.18 14.93
CA ASP D 92 24.87 2.38 14.14
C ASP D 92 25.04 2.08 12.64
N THR D 93 24.08 1.36 12.06
CA THR D 93 24.13 1.00 10.64
C THR D 93 23.15 1.76 9.76
N ASN D 94 22.27 2.56 10.35
CA ASN D 94 21.21 3.23 9.62
C ASN D 94 21.57 4.67 9.30
N LEU D 95 21.72 4.97 8.01
CA LEU D 95 22.09 6.30 7.58
C LEU D 95 20.92 7.09 7.03
N TYR D 96 20.76 8.32 7.51
CA TYR D 96 19.73 9.22 7.01
C TYR D 96 20.36 10.19 6.02
N VAL D 97 20.24 9.84 4.75
CA VAL D 97 20.86 10.56 3.65
C VAL D 97 19.91 11.64 3.15
N THR D 98 20.30 12.90 3.25
CA THR D 98 19.47 14.00 2.77
C THR D 98 20.22 14.83 1.74
N ASN D 99 19.51 15.79 1.15
CA ASN D 99 20.06 16.63 0.08
C ASN D 99 20.49 15.87 -1.16
N LEU D 100 19.78 14.79 -1.46
CA LEU D 100 19.97 14.07 -2.71
C LEU D 100 19.40 14.85 -3.88
N PRO D 101 19.88 14.57 -5.09
CA PRO D 101 19.20 15.11 -6.26
C PRO D 101 17.84 14.43 -6.39
N ARG D 102 16.82 15.19 -6.76
CA ARG D 102 15.47 14.66 -6.84
C ARG D 102 15.39 13.48 -7.83
N THR D 103 16.25 13.46 -8.83
CA THR D 103 16.23 12.42 -9.87
C THR D 103 16.80 11.09 -9.41
N ILE D 104 17.17 10.99 -8.14
CA ILE D 104 17.73 9.76 -7.59
C ILE D 104 16.76 8.57 -7.60
N THR D 105 17.31 7.38 -7.83
CA THR D 105 16.54 6.13 -7.88
C THR D 105 17.17 5.06 -6.98
N ASP D 106 16.38 4.05 -6.61
CA ASP D 106 16.85 2.96 -5.76
C ASP D 106 18.10 2.27 -6.32
N ASP D 107 18.13 2.06 -7.63
CA ASP D 107 19.26 1.37 -8.26
C ASP D 107 20.53 2.22 -8.27
N GLN D 108 20.37 3.54 -8.22
CA GLN D 108 21.52 4.46 -8.16
C GLN D 108 22.17 4.52 -6.79
N LEU D 109 21.38 4.43 -5.72
CA LEU D 109 21.94 4.31 -4.37
C LEU D 109 22.81 3.06 -4.24
N ASP D 110 22.34 1.96 -4.84
CA ASP D 110 23.09 0.70 -4.83
C ASP D 110 24.45 0.89 -5.51
N THR D 111 24.49 1.74 -6.52
CA THR D 111 25.75 2.10 -7.16
C THR D 111 26.60 2.95 -6.21
N ILE D 112 26.02 4.04 -5.72
CA ILE D 112 26.73 5.04 -4.91
C ILE D 112 27.26 4.51 -3.58
N PHE D 113 26.41 3.77 -2.86
CA PHE D 113 26.73 3.29 -1.52
C PHE D 113 27.25 1.86 -1.49
N GLY D 114 26.94 1.08 -2.53
CA GLY D 114 27.31 -0.34 -2.57
C GLY D 114 28.80 -0.60 -2.40
N LYS D 115 29.62 0.30 -2.93
CA LYS D 115 31.07 0.16 -2.88
C LYS D 115 31.65 0.25 -1.45
N TYR D 116 30.95 0.93 -0.55
CA TYR D 116 31.44 1.10 0.81
C TYR D 116 31.09 -0.07 1.75
N GLY D 117 30.27 -1.00 1.26
CA GLY D 117 29.92 -2.18 2.05
C GLY D 117 28.63 -2.85 1.61
N SER D 118 28.24 -3.90 2.33
CA SER D 118 27.01 -4.64 2.07
C SER D 118 25.79 -3.87 2.57
N ILE D 119 24.83 -3.64 1.67
CA ILE D 119 23.62 -2.89 2.01
C ILE D 119 22.49 -3.84 2.40
N VAL D 120 21.95 -3.62 3.60
CA VAL D 120 20.82 -4.42 4.10
C VAL D 120 19.48 -3.89 3.58
N GLN D 121 19.38 -2.57 3.45
CA GLN D 121 18.10 -1.92 3.18
C GLN D 121 18.31 -0.51 2.61
N LYS D 122 18.22 -0.38 1.30
CA LYS D 122 18.20 0.93 0.64
C LYS D 122 16.75 1.36 0.54
N ASN D 123 16.50 2.66 0.38
CA ASN D 123 15.11 3.17 0.39
C ASN D 123 14.99 4.70 0.18
N ILE D 124 14.45 5.11 -0.97
CA ILE D 124 14.16 6.53 -1.26
C ILE D 124 12.80 6.93 -0.71
N LEU D 125 12.68 8.17 -0.22
CA LEU D 125 11.39 8.71 0.23
C LEU D 125 10.77 9.63 -0.81
N ARG D 126 9.53 9.33 -1.17
CA ARG D 126 8.71 10.21 -2.01
C ARG D 126 7.68 10.93 -1.16
N ASP D 127 7.24 12.08 -1.65
CA ASP D 127 6.15 12.81 -0.99
C ASP D 127 4.85 12.01 -1.12
N LYS D 128 4.02 12.05 -0.09
CA LYS D 128 2.79 11.27 -0.07
C LYS D 128 1.66 12.00 -0.81
N LEU D 129 1.83 13.31 -1.05
CA LEU D 129 0.82 14.11 -1.75
C LEU D 129 1.07 14.23 -3.25
N THR D 130 2.32 14.09 -3.67
CA THR D 130 2.67 14.27 -5.08
C THR D 130 3.28 13.04 -5.76
N GLY D 131 3.93 12.17 -4.99
CA GLY D 131 4.68 11.06 -5.57
C GLY D 131 6.11 11.45 -5.95
N ARG D 132 6.44 12.73 -5.85
CA ARG D 132 7.76 13.22 -6.27
C ARG D 132 8.78 12.78 -5.24
N PRO D 133 10.00 12.40 -5.67
CA PRO D 133 11.03 12.12 -4.67
C PRO D 133 11.34 13.38 -3.89
N ARG D 134 11.74 13.21 -2.64
CA ARG D 134 12.03 14.34 -1.74
C ARG D 134 13.52 14.67 -1.66
N GLY D 135 14.36 13.84 -2.28
CA GLY D 135 15.80 13.95 -2.11
C GLY D 135 16.17 13.61 -0.69
N VAL D 136 15.61 12.51 -0.20
CA VAL D 136 15.86 11.99 1.14
C VAL D 136 15.85 10.48 1.02
N ALA D 137 16.63 9.79 1.86
CA ALA D 137 16.72 8.34 1.77
C ALA D 137 17.28 7.73 3.05
N PHE D 138 17.17 6.40 3.12
CA PHE D 138 17.72 5.62 4.21
C PHE D 138 18.59 4.53 3.59
N VAL D 139 19.79 4.38 4.13
CA VAL D 139 20.65 3.26 3.77
C VAL D 139 21.11 2.61 5.06
N ARG D 140 20.82 1.33 5.21
CA ARG D 140 21.25 0.58 6.37
C ARG D 140 22.28 -0.45 5.91
N TYR D 141 23.45 -0.40 6.53
CA TYR D 141 24.54 -1.30 6.16
C TYR D 141 24.51 -2.57 6.99
N ASN D 142 25.42 -3.49 6.67
CA ASN D 142 25.63 -4.67 7.49
C ASN D 142 26.26 -4.27 8.81
N LYS D 143 27.35 -3.52 8.73
CA LYS D 143 28.21 -3.27 9.88
C LYS D 143 28.59 -1.81 10.11
N ARG D 144 28.72 -1.48 11.39
CA ARG D 144 29.07 -0.16 11.91
C ARG D 144 30.16 0.57 11.12
N GLU D 145 31.15 -0.18 10.66
CA GLU D 145 32.32 0.37 9.98
C GLU D 145 31.93 0.84 8.59
N GLU D 146 31.26 -0.03 7.85
CA GLU D 146 30.83 0.26 6.49
C GLU D 146 30.09 1.59 6.44
N ALA D 147 29.14 1.76 7.36
CA ALA D 147 28.38 2.99 7.47
C ALA D 147 29.29 4.18 7.77
N GLN D 148 30.22 3.99 8.70
CA GLN D 148 31.16 5.04 9.08
C GLN D 148 32.04 5.45 7.90
N GLU D 149 32.54 4.44 7.19
CA GLU D 149 33.32 4.66 5.99
C GLU D 149 32.55 5.53 4.97
N ALA D 150 31.26 5.25 4.82
CA ALA D 150 30.40 6.01 3.92
C ALA D 150 30.18 7.44 4.38
N ILE D 151 30.01 7.64 5.69
CA ILE D 151 29.83 8.99 6.21
C ILE D 151 31.03 9.82 5.82
N SER D 152 32.22 9.33 6.17
CA SER D 152 33.47 10.05 5.91
C SER D 152 33.64 10.34 4.42
N ALA D 153 33.28 9.37 3.57
CA ALA D 153 33.41 9.51 2.12
C ALA D 153 32.40 10.49 1.52
N LEU D 154 31.12 10.27 1.79
CA LEU D 154 30.04 10.98 1.09
C LEU D 154 29.53 12.24 1.79
N ASN D 155 29.69 12.33 3.10
CA ASN D 155 29.17 13.51 3.80
C ASN D 155 29.82 14.77 3.23
N ASN D 156 28.99 15.75 2.91
CA ASN D 156 29.40 17.06 2.39
C ASN D 156 29.87 17.14 0.93
N VAL D 157 29.98 16.00 0.23
CA VAL D 157 30.33 16.05 -1.20
C VAL D 157 29.08 16.41 -2.01
N ILE D 158 29.26 17.19 -3.08
CA ILE D 158 28.22 17.39 -4.09
C ILE D 158 28.26 16.13 -4.95
N PRO D 159 27.14 15.38 -5.01
CA PRO D 159 27.15 14.06 -5.65
C PRO D 159 27.60 14.08 -7.12
N GLU D 160 27.81 12.89 -7.68
CA GLU D 160 28.33 12.74 -9.05
C GLU D 160 27.40 13.40 -10.09
N GLY D 161 27.57 14.71 -10.26
CA GLY D 161 26.64 15.51 -11.06
C GLY D 161 25.49 16.00 -10.21
N GLY D 162 25.74 17.04 -9.41
CA GLY D 162 24.74 17.58 -8.49
C GLY D 162 24.80 19.09 -8.37
N SER D 163 24.12 19.61 -7.35
CA SER D 163 23.98 21.04 -7.12
C SER D 163 24.29 21.43 -5.67
N GLN D 164 23.57 20.81 -4.74
CA GLN D 164 23.73 21.07 -3.30
C GLN D 164 24.65 20.00 -2.67
N PRO D 165 25.32 20.31 -1.55
CA PRO D 165 26.16 19.30 -0.88
C PRO D 165 25.36 18.21 -0.17
N LEU D 166 25.79 16.97 -0.33
CA LEU D 166 25.12 15.81 0.26
C LEU D 166 25.22 15.84 1.78
N SER D 167 24.47 14.97 2.45
CA SER D 167 24.50 14.91 3.90
C SER D 167 24.22 13.50 4.37
N VAL D 168 25.23 12.86 4.94
CA VAL D 168 25.14 11.47 5.36
C VAL D 168 25.48 11.38 6.84
N ARG D 169 24.56 10.79 7.63
CA ARG D 169 24.77 10.64 9.06
C ARG D 169 23.86 9.59 9.65
N LEU D 170 24.09 9.26 10.92
CA LEU D 170 23.30 8.25 11.61
C LEU D 170 21.88 8.74 11.77
N ALA D 171 20.92 7.85 11.59
CA ALA D 171 19.53 8.15 11.84
C ALA D 171 19.27 7.95 13.31
N GLU D 172 18.27 8.64 13.87
CA GLU D 172 17.80 8.35 15.22
C GLU D 172 16.40 8.92 15.45
N GLU D 173 15.70 8.33 16.43
CA GLU D 173 14.37 8.79 16.88
C GLU D 173 14.03 10.23 16.50
N GLY E 1 -40.19 34.05 -23.78
CA GLY E 1 -39.69 34.42 -22.42
C GLY E 1 -38.30 35.03 -22.45
N ALA E 2 -37.56 34.87 -21.34
CA ALA E 2 -36.19 35.37 -21.22
C ALA E 2 -35.54 34.82 -19.95
N MET E 3 -34.53 33.97 -20.09
CA MET E 3 -33.94 33.26 -18.96
C MET E 3 -32.47 32.85 -19.23
N ALA E 4 -32.25 32.15 -20.35
CA ALA E 4 -30.90 31.72 -20.77
C ALA E 4 -30.07 32.90 -21.30
N THR E 5 -29.10 33.33 -20.51
CA THR E 5 -28.32 34.55 -20.80
C THR E 5 -27.06 34.27 -21.65
N ARG E 6 -27.24 34.30 -22.97
CA ARG E 6 -26.18 33.97 -23.93
C ARG E 6 -25.34 35.20 -24.30
N GLU E 7 -24.05 34.98 -24.57
CA GLU E 7 -23.17 36.04 -25.07
C GLU E 7 -22.25 35.49 -26.17
N THR E 8 -21.35 36.33 -26.68
CA THR E 8 -20.56 36.00 -27.86
C THR E 8 -19.05 36.08 -27.63
N GLY E 9 -18.31 35.37 -28.48
CA GLY E 9 -16.85 35.34 -28.41
C GLY E 9 -16.21 34.72 -29.64
N ILE E 10 -14.87 34.80 -29.69
CA ILE E 10 -14.09 34.24 -30.80
C ILE E 10 -13.23 33.10 -30.30
N ILE E 11 -13.07 32.06 -31.11
CA ILE E 11 -12.17 30.94 -30.80
C ILE E 11 -10.71 31.42 -30.79
N GLU E 12 -10.07 31.29 -29.64
CA GLU E 12 -8.71 31.77 -29.41
C GLU E 12 -7.66 30.69 -29.65
N LYS E 13 -7.99 29.46 -29.26
CA LYS E 13 -7.11 28.31 -29.40
C LYS E 13 -7.90 27.02 -29.26
N LEU E 14 -7.45 25.98 -29.97
CA LEU E 14 -8.07 24.67 -29.90
C LEU E 14 -7.07 23.56 -29.59
N LEU E 15 -7.49 22.62 -28.75
CA LEU E 15 -6.77 21.37 -28.51
C LEU E 15 -7.63 20.23 -29.08
N HIS E 16 -7.26 18.98 -28.85
CA HIS E 16 -8.02 17.85 -29.42
C HIS E 16 -9.39 17.67 -28.77
N SER E 17 -9.56 18.18 -27.56
CA SER E 17 -10.76 17.94 -26.78
C SER E 17 -11.43 19.20 -26.20
N TYR E 18 -10.69 20.29 -26.09
CA TYR E 18 -11.23 21.50 -25.50
C TYR E 18 -10.64 22.69 -26.23
N GLY E 19 -11.08 23.88 -25.87
CA GLY E 19 -10.57 25.10 -26.47
C GLY E 19 -10.71 26.29 -25.57
N PHE E 20 -10.32 27.45 -26.10
CA PHE E 20 -10.42 28.69 -25.36
C PHE E 20 -11.04 29.78 -26.22
N ILE E 21 -11.82 30.63 -25.58
CA ILE E 21 -12.65 31.61 -26.26
C ILE E 21 -12.39 33.01 -25.72
N GLN E 22 -12.10 33.96 -26.60
CA GLN E 22 -12.06 35.36 -26.20
C GLN E 22 -13.48 35.88 -26.23
N CYS E 23 -13.95 36.37 -25.08
CA CYS E 23 -15.31 36.89 -24.96
C CYS E 23 -15.39 38.30 -25.50
N CYS E 24 -16.46 38.60 -26.22
CA CYS E 24 -16.62 39.90 -26.84
C CYS E 24 -17.16 40.90 -25.82
N GLU E 25 -18.32 40.61 -25.25
CA GLU E 25 -18.97 41.50 -24.28
C GLU E 25 -18.65 41.09 -22.84
N ARG E 26 -17.36 40.93 -22.57
CA ARG E 26 -16.84 40.46 -21.28
C ARG E 26 -15.33 40.38 -21.44
N GLN E 27 -14.59 40.96 -20.51
CA GLN E 27 -13.14 40.83 -20.54
C GLN E 27 -12.73 39.53 -19.87
N ALA E 28 -12.67 38.45 -20.65
CA ALA E 28 -12.36 37.12 -20.12
C ALA E 28 -12.06 36.15 -21.25
N ARG E 29 -11.16 35.21 -20.96
CA ARG E 29 -10.80 34.14 -21.88
C ARG E 29 -11.20 32.79 -21.29
N LEU E 30 -12.32 32.24 -21.75
CA LEU E 30 -12.92 31.06 -21.12
C LEU E 30 -12.49 29.73 -21.73
N PHE E 31 -12.42 28.73 -20.87
CA PHE E 31 -12.23 27.33 -21.25
C PHE E 31 -13.58 26.78 -21.72
N PHE E 32 -13.55 25.82 -22.62
CA PHE E 32 -14.76 25.07 -22.97
C PHE E 32 -14.39 23.69 -23.48
N HIS E 33 -15.18 22.69 -23.09
CA HIS E 33 -14.96 21.32 -23.53
C HIS E 33 -15.87 21.01 -24.73
N PHE E 34 -15.41 20.15 -25.63
CA PHE E 34 -16.17 19.83 -26.84
C PHE E 34 -17.52 19.17 -26.57
N SER E 35 -17.72 18.67 -25.34
CA SER E 35 -19.04 18.28 -24.86
C SER E 35 -20.05 19.41 -25.01
N GLN E 36 -19.60 20.65 -24.82
CA GLN E 36 -20.48 21.80 -24.92
C GLN E 36 -20.72 22.33 -26.33
N PHE E 37 -20.00 21.80 -27.32
CA PHE E 37 -20.14 22.26 -28.70
C PHE E 37 -21.18 21.45 -29.48
N SER E 38 -21.84 22.11 -30.43
CA SER E 38 -22.90 21.52 -31.24
C SER E 38 -22.47 21.28 -32.71
N GLY E 39 -22.57 20.03 -33.15
CA GLY E 39 -22.32 19.67 -34.55
C GLY E 39 -20.89 19.82 -35.03
N ASN E 40 -20.69 19.54 -36.31
CA ASN E 40 -19.38 19.60 -37.01
C ASN E 40 -18.24 20.32 -36.28
N ILE E 41 -17.52 19.57 -35.46
CA ILE E 41 -16.28 20.05 -34.84
C ILE E 41 -15.17 19.93 -35.87
N ASP E 42 -15.09 18.76 -36.51
CA ASP E 42 -14.13 18.45 -37.58
C ASP E 42 -13.69 19.66 -38.43
N HIS E 43 -14.62 20.55 -38.77
CA HIS E 43 -14.24 21.82 -39.40
C HIS E 43 -14.71 23.03 -38.58
N LEU E 44 -13.99 23.24 -37.48
CA LEU E 44 -14.07 24.44 -36.65
C LEU E 44 -12.62 24.82 -36.38
N LYS E 45 -12.31 26.11 -36.41
CA LYS E 45 -10.91 26.54 -36.21
C LYS E 45 -10.75 27.95 -35.62
N ILE E 46 -9.50 28.29 -35.30
CA ILE E 46 -9.19 29.56 -34.65
C ILE E 46 -9.79 30.70 -35.46
N GLY E 47 -10.52 31.58 -34.80
CA GLY E 47 -11.13 32.73 -35.47
C GLY E 47 -12.64 32.62 -35.68
N ASP E 48 -13.16 31.39 -35.69
CA ASP E 48 -14.61 31.20 -35.80
C ASP E 48 -15.34 31.92 -34.66
N PRO E 49 -16.46 32.59 -34.98
CA PRO E 49 -17.23 33.29 -33.95
C PRO E 49 -18.26 32.36 -33.31
N VAL E 50 -18.46 32.51 -32.00
CA VAL E 50 -19.34 31.62 -31.24
C VAL E 50 -20.21 32.32 -30.20
N GLU E 51 -21.36 31.69 -29.92
CA GLU E 51 -22.31 32.14 -28.90
C GLU E 51 -22.42 31.07 -27.82
N PHE E 52 -22.48 31.50 -26.57
CA PHE E 52 -22.36 30.60 -25.43
C PHE E 52 -22.85 31.29 -24.15
N GLU E 53 -23.08 30.49 -23.11
CA GLU E 53 -23.38 31.01 -21.80
C GLU E 53 -22.16 30.81 -20.91
N MET E 54 -21.70 31.88 -20.25
CA MET E 54 -20.70 31.72 -19.20
C MET E 54 -21.38 31.11 -18.01
N THR E 55 -20.91 29.93 -17.63
CA THR E 55 -21.26 29.35 -16.35
C THR E 55 -19.94 29.11 -15.65
N TYR E 56 -20.05 28.52 -14.47
CA TYR E 56 -18.93 27.96 -13.74
C TYR E 56 -19.12 26.44 -13.66
N ASP E 57 -18.02 25.70 -13.77
CA ASP E 57 -18.09 24.24 -13.88
C ASP E 57 -18.53 23.62 -12.55
N ARG E 58 -19.63 22.86 -12.58
CA ARG E 58 -20.22 22.29 -11.36
C ARG E 58 -19.26 21.43 -10.56
N ARG E 59 -18.38 20.76 -11.29
CA ARG E 59 -17.34 19.94 -10.68
C ARG E 59 -16.25 20.75 -10.01
N THR E 60 -15.73 21.74 -10.73
CA THR E 60 -14.50 22.41 -10.37
C THR E 60 -14.59 23.92 -10.39
N GLY E 61 -15.60 24.51 -9.79
CA GLY E 61 -15.73 26.00 -9.63
C GLY E 61 -14.98 26.92 -10.57
N LYS E 62 -14.52 26.39 -11.69
CA LYS E 62 -13.71 27.15 -12.61
C LYS E 62 -14.68 27.90 -13.48
N PRO E 63 -14.28 29.08 -13.94
CA PRO E 63 -15.07 29.78 -14.93
C PRO E 63 -14.94 29.07 -16.29
N ILE E 64 -16.08 28.78 -16.90
CA ILE E 64 -16.13 28.10 -18.21
C ILE E 64 -17.20 28.69 -19.14
N ALA E 65 -17.29 28.12 -20.33
CA ALA E 65 -18.29 28.51 -21.31
C ALA E 65 -19.08 27.27 -21.67
N SER E 66 -20.41 27.36 -21.54
CA SER E 66 -21.29 26.22 -21.70
C SER E 66 -22.26 26.44 -22.86
N GLN E 67 -22.71 25.33 -23.44
CA GLN E 67 -23.68 25.38 -24.52
C GLN E 67 -23.15 26.29 -25.62
N VAL E 68 -22.05 25.87 -26.22
CA VAL E 68 -21.36 26.65 -27.24
C VAL E 68 -21.84 26.24 -28.62
N SER E 69 -22.17 27.23 -29.45
CA SER E 69 -22.48 27.01 -30.87
C SER E 69 -21.85 28.11 -31.70
N LYS E 70 -21.68 27.86 -32.99
CA LYS E 70 -21.14 28.85 -33.92
C LYS E 70 -22.28 29.58 -34.64
N ILE E 71 -21.97 30.72 -35.24
CA ILE E 71 -22.90 31.43 -36.15
C ILE E 71 -22.11 31.94 -37.36
N ALA E 72 -21.71 30.99 -38.21
CA ALA E 72 -20.89 31.26 -39.40
C ALA E 72 -21.10 30.16 -40.44
N GLY F 1 -6.49 7.44 48.54
CA GLY F 1 -7.88 7.24 48.04
C GLY F 1 -7.99 7.28 46.52
N ALA F 2 -9.04 6.67 46.00
CA ALA F 2 -9.31 6.55 44.56
C ALA F 2 -8.14 5.92 43.83
N MET F 3 -8.01 4.61 43.96
CA MET F 3 -6.81 3.94 43.48
C MET F 3 -7.07 2.60 42.79
N ALA F 4 -8.33 2.24 42.58
CA ALA F 4 -8.70 0.87 42.22
C ALA F 4 -8.52 -0.03 43.43
N THR F 5 -9.14 -1.20 43.38
CA THR F 5 -9.22 -2.08 44.55
C THR F 5 -8.24 -3.25 44.40
N ARG F 6 -7.29 -3.34 45.33
CA ARG F 6 -6.37 -4.47 45.41
C ARG F 6 -7.14 -5.77 45.65
N GLU F 7 -7.01 -6.72 44.73
CA GLU F 7 -7.62 -8.04 44.86
C GLU F 7 -6.56 -9.09 45.23
N THR F 8 -6.98 -10.34 45.35
CA THR F 8 -6.09 -11.47 45.57
C THR F 8 -6.47 -12.65 44.69
N GLY F 9 -5.56 -13.60 44.58
CA GLY F 9 -5.78 -14.80 43.76
C GLY F 9 -4.57 -15.71 43.69
N ILE F 10 -4.70 -16.80 42.94
CA ILE F 10 -3.66 -17.82 42.82
C ILE F 10 -3.12 -17.89 41.40
N ILE F 11 -1.81 -18.12 41.28
CA ILE F 11 -1.19 -18.36 39.98
C ILE F 11 -1.68 -19.68 39.38
N GLU F 12 -2.44 -19.59 38.30
CA GLU F 12 -2.99 -20.77 37.65
C GLU F 12 -2.05 -21.32 36.56
N LYS F 13 -1.36 -20.45 35.83
CA LYS F 13 -0.38 -20.91 34.85
C LYS F 13 0.67 -19.86 34.49
N LEU F 14 1.87 -20.34 34.16
CA LEU F 14 2.99 -19.47 33.77
C LEU F 14 3.61 -19.86 32.42
N LEU F 15 3.85 -18.86 31.58
CA LEU F 15 4.65 -18.99 30.37
C LEU F 15 6.01 -18.33 30.61
N HIS F 16 6.86 -18.22 29.59
CA HIS F 16 8.20 -17.66 29.80
C HIS F 16 8.20 -16.17 30.18
N SER F 17 7.19 -15.41 29.74
CA SER F 17 7.14 -13.97 30.02
C SER F 17 5.81 -13.44 30.57
N TYR F 18 4.83 -14.31 30.74
CA TYR F 18 3.52 -13.90 31.24
C TYR F 18 2.80 -15.09 31.83
N GLY F 19 1.64 -14.84 32.41
CA GLY F 19 0.87 -15.91 33.00
C GLY F 19 -0.57 -15.54 33.30
N PHE F 20 -1.24 -16.41 34.06
CA PHE F 20 -2.65 -16.24 34.35
C PHE F 20 -2.95 -16.44 35.83
N ILE F 21 -3.72 -15.52 36.38
CA ILE F 21 -4.09 -15.52 37.78
C ILE F 21 -5.56 -15.86 37.91
N GLN F 22 -5.87 -16.82 38.77
CA GLN F 22 -7.25 -17.12 39.12
C GLN F 22 -7.62 -16.21 40.28
N CYS F 23 -8.73 -15.49 40.15
CA CYS F 23 -9.04 -14.42 41.09
C CYS F 23 -10.03 -14.83 42.17
N CYS F 24 -9.86 -14.23 43.34
CA CYS F 24 -10.78 -14.46 44.47
C CYS F 24 -12.05 -13.64 44.31
N GLU F 25 -11.98 -12.57 43.52
CA GLU F 25 -13.09 -11.62 43.41
C GLU F 25 -13.98 -11.89 42.20
N ARG F 26 -13.71 -12.96 41.45
CA ARG F 26 -14.56 -13.38 40.35
C ARG F 26 -14.11 -14.73 39.82
N GLN F 27 -14.91 -15.32 38.93
CA GLN F 27 -14.47 -16.46 38.12
C GLN F 27 -13.24 -16.05 37.30
N ALA F 28 -13.17 -14.75 37.00
CA ALA F 28 -11.98 -14.06 36.51
C ALA F 28 -10.70 -14.88 36.52
N ARG F 29 -10.27 -15.27 35.32
CA ARG F 29 -8.99 -15.92 35.09
C ARG F 29 -8.18 -14.92 34.27
N LEU F 30 -7.43 -14.05 34.96
CA LEU F 30 -6.80 -12.89 34.33
C LEU F 30 -5.40 -13.10 33.80
N PHE F 31 -5.11 -12.39 32.71
CA PHE F 31 -3.77 -12.33 32.12
C PHE F 31 -2.93 -11.32 32.92
N PHE F 32 -1.63 -11.59 33.01
CA PHE F 32 -0.69 -10.60 33.51
C PHE F 32 0.68 -10.85 32.89
N HIS F 33 1.37 -9.76 32.58
CA HIS F 33 2.69 -9.82 32.00
C HIS F 33 3.69 -9.57 33.12
N PHE F 34 4.86 -10.17 33.02
CA PHE F 34 5.83 -10.08 34.09
C PHE F 34 6.40 -8.67 34.32
N SER F 35 6.25 -7.76 33.36
CA SER F 35 6.56 -6.34 33.59
C SER F 35 5.82 -5.79 34.81
N GLN F 36 4.63 -6.32 35.07
CA GLN F 36 3.83 -5.88 36.21
C GLN F 36 4.22 -6.50 37.55
N PHE F 37 4.93 -7.63 37.52
CA PHE F 37 5.25 -8.35 38.75
C PHE F 37 6.42 -7.74 39.53
N SER F 38 6.29 -7.68 40.85
CA SER F 38 7.37 -7.21 41.74
C SER F 38 7.96 -8.38 42.51
N GLY F 39 9.30 -8.50 42.47
CA GLY F 39 10.01 -9.54 43.23
C GLY F 39 10.74 -10.54 42.36
N ASN F 40 11.33 -11.54 43.01
CA ASN F 40 12.05 -12.63 42.34
C ASN F 40 11.09 -13.48 41.49
N ILE F 41 11.37 -13.54 40.19
CA ILE F 41 10.46 -14.18 39.24
C ILE F 41 10.75 -15.69 39.17
N ASP F 42 12.01 -16.05 39.39
CA ASP F 42 12.39 -17.47 39.46
C ASP F 42 11.65 -18.19 40.59
N HIS F 43 11.42 -17.47 41.69
CA HIS F 43 10.78 -18.06 42.87
C HIS F 43 9.25 -18.09 42.79
N LEU F 44 8.67 -17.43 41.79
CA LEU F 44 7.23 -17.45 41.59
C LEU F 44 6.80 -18.71 40.85
N LYS F 45 5.85 -19.45 41.40
CA LYS F 45 5.38 -20.68 40.77
C LYS F 45 3.88 -20.93 40.92
N ILE F 46 3.38 -21.84 40.08
CA ILE F 46 1.97 -22.21 40.07
C ILE F 46 1.52 -22.55 41.48
N GLY F 47 0.39 -22.00 41.89
CA GLY F 47 -0.12 -22.20 43.23
C GLY F 47 0.18 -21.04 44.14
N ASP F 48 1.28 -20.34 43.90
CA ASP F 48 1.58 -19.14 44.69
C ASP F 48 0.36 -18.22 44.74
N PRO F 49 0.05 -17.68 45.92
CA PRO F 49 -0.99 -16.69 46.01
C PRO F 49 -0.41 -15.31 45.71
N VAL F 50 -1.23 -14.43 45.14
CA VAL F 50 -0.78 -13.11 44.72
C VAL F 50 -1.82 -12.03 44.93
N GLU F 51 -1.34 -10.80 45.10
CA GLU F 51 -2.20 -9.62 45.13
C GLU F 51 -1.96 -8.80 43.87
N PHE F 52 -3.02 -8.16 43.37
CA PHE F 52 -2.98 -7.42 42.11
C PHE F 52 -4.19 -6.50 42.02
N GLU F 53 -4.30 -5.77 40.92
CA GLU F 53 -5.43 -4.89 40.66
C GLU F 53 -5.86 -5.07 39.21
N MET F 54 -7.16 -5.32 39.00
CA MET F 54 -7.69 -5.49 37.64
C MET F 54 -7.76 -4.13 36.95
N THR F 55 -7.08 -4.02 35.81
CA THR F 55 -7.05 -2.80 35.00
C THR F 55 -7.10 -3.25 33.55
N TYR F 56 -7.18 -2.31 32.61
CA TYR F 56 -7.38 -2.68 31.22
C TYR F 56 -6.27 -2.14 30.32
N ASP F 57 -5.90 -2.94 29.33
CA ASP F 57 -4.79 -2.63 28.44
C ASP F 57 -5.16 -1.52 27.47
N ARG F 58 -4.39 -0.42 27.48
CA ARG F 58 -4.68 0.77 26.65
C ARG F 58 -4.77 0.49 25.18
N ARG F 59 -3.97 -0.46 24.74
CA ARG F 59 -3.97 -0.93 23.37
C ARG F 59 -5.24 -1.71 23.00
N THR F 60 -5.58 -2.69 23.83
CA THR F 60 -6.52 -3.74 23.46
C THR F 60 -7.58 -3.97 24.51
N GLY F 61 -8.26 -2.93 24.98
CA GLY F 61 -9.39 -3.06 25.94
C GLY F 61 -9.55 -4.32 26.79
N LYS F 62 -8.50 -5.13 26.88
CA LYS F 62 -8.57 -6.41 27.56
C LYS F 62 -8.35 -6.14 29.02
N PRO F 63 -8.97 -6.96 29.88
CA PRO F 63 -8.67 -6.88 31.29
C PRO F 63 -7.36 -7.57 31.58
N ILE F 64 -6.62 -7.03 32.53
CA ILE F 64 -5.38 -7.64 32.91
C ILE F 64 -5.21 -7.54 34.41
N ALA F 65 -4.26 -8.29 34.93
CA ALA F 65 -3.83 -8.11 36.29
C ALA F 65 -2.62 -7.21 36.20
N SER F 66 -2.67 -6.14 36.98
CA SER F 66 -1.65 -5.12 36.97
C SER F 66 -1.02 -5.02 38.35
N GLN F 67 0.19 -4.48 38.43
CA GLN F 67 0.89 -4.31 39.71
C GLN F 67 0.76 -5.57 40.56
N VAL F 68 1.20 -6.70 40.01
CA VAL F 68 1.10 -7.98 40.69
C VAL F 68 2.23 -8.10 41.71
N SER F 69 1.93 -8.72 42.84
CA SER F 69 2.90 -8.94 43.90
C SER F 69 2.50 -10.18 44.70
N LYS F 70 3.50 -10.88 45.25
CA LYS F 70 3.24 -12.06 46.06
C LYS F 70 3.01 -11.61 47.49
N ILE F 71 2.16 -12.31 48.24
CA ILE F 71 1.83 -11.91 49.62
C ILE F 71 2.84 -12.49 50.62
N ALA F 72 3.09 -11.73 51.69
CA ALA F 72 4.03 -12.12 52.75
C ALA F 72 3.76 -13.52 53.30
#